data_3E1Z
#
_entry.id   3E1Z
#
_cell.length_a   99.13
_cell.length_b   99.13
_cell.length_c   159.49
_cell.angle_alpha   90.00
_cell.angle_beta   90.00
_cell.angle_gamma   90.00
#
_symmetry.space_group_name_H-M   'I 4 2 2'
#
loop_
_entity.id
_entity.type
_entity.pdbx_description
1 polymer Chagasin
2 polymer Papain
3 non-polymer 'ZINC ION'
4 non-polymer 'FORMIC ACID'
5 non-polymer 'ACETIC ACID'
6 water water
#
loop_
_entity_poly.entity_id
_entity_poly.type
_entity_poly.pdbx_seq_one_letter_code
_entity_poly.pdbx_strand_id
1 'polypeptide(L)'
;MSHKVTKAHNGATLTVAVGELVEIQLPSNPTTGFAWYFEGGTKESPNESMFTVENKYFPPDSKLLGAGGTEHFHVTVKAA
GTHAVNLTYMRPWTGPSHDSERFTVYLKAN
;
A
2 'polypeptide(L)'
;IPEYVDWRQKGAVTPVKNQGSCGSCWAFSAVVTIEGIIKIRTGNLNEYSEQELLDCDRRSYGCNGGYPWSALQLVAQYGI
HYRNTYPYEGVQRYCRSREKGPYAAKTDGVRQVQPYNEGALLYSIANQPVSVVLEAAGKDFQLYRGGIFVGPCGNKVDHA
VAAVGYGPNYILIKNSWGTGWGENGYIRIKRGTGNSYGVCGLYTSSFYPVKN
;
B
#
loop_
_chem_comp.id
_chem_comp.type
_chem_comp.name
_chem_comp.formula
ACY non-polymer 'ACETIC ACID' 'C2 H4 O2'
FMT non-polymer 'FORMIC ACID' 'C H2 O2'
ZN non-polymer 'ZINC ION' 'Zn 2'
#
# COMPACT_ATOMS: atom_id res chain seq x y z
N SER A 2 -8.59 26.10 -11.95
CA SER A 2 -7.58 27.13 -12.38
C SER A 2 -7.18 26.94 -13.84
N HIS A 3 -5.90 27.15 -14.16
CA HIS A 3 -5.35 26.64 -15.42
C HIS A 3 -4.66 25.29 -15.16
N LYS A 4 -5.01 24.67 -14.04
CA LYS A 4 -4.55 23.32 -13.75
C LYS A 4 -5.19 22.36 -14.77
N VAL A 5 -4.36 21.49 -15.31
CA VAL A 5 -4.76 20.42 -16.19
C VAL A 5 -5.05 19.17 -15.34
N THR A 6 -6.26 18.64 -15.43
CA THR A 6 -6.63 17.45 -14.67
C THR A 6 -7.05 16.32 -15.59
N LYS A 7 -7.58 15.24 -15.01
CA LYS A 7 -8.04 14.12 -15.81
C LYS A 7 -9.10 14.49 -16.84
N ALA A 8 -9.95 15.46 -16.52
CA ALA A 8 -10.94 15.98 -17.46
C ALA A 8 -10.37 16.56 -18.78
N HIS A 9 -9.08 16.88 -18.78
CA HIS A 9 -8.43 17.37 -19.98
C HIS A 9 -7.66 16.28 -20.74
N ASN A 10 -7.86 15.01 -20.39
CA ASN A 10 -7.15 13.92 -21.07
C ASN A 10 -7.29 14.06 -22.58
N GLY A 11 -6.18 14.03 -23.31
CA GLY A 11 -6.23 14.16 -24.79
C GLY A 11 -6.24 15.59 -25.31
N ALA A 12 -6.34 16.57 -24.41
CA ALA A 12 -6.45 17.98 -24.82
C ALA A 12 -5.11 18.55 -25.31
N THR A 13 -5.19 19.58 -26.15
CA THR A 13 -4.02 20.37 -26.53
C THR A 13 -4.06 21.73 -25.83
N LEU A 14 -2.96 22.05 -25.16
CA LEU A 14 -2.84 23.35 -24.48
C LEU A 14 -1.82 24.19 -25.21
N THR A 15 -2.15 25.44 -25.50
CA THR A 15 -1.21 26.35 -26.15
C THR A 15 -0.46 27.08 -25.04
N VAL A 16 0.87 26.99 -25.08
CA VAL A 16 1.73 27.42 -23.99
C VAL A 16 2.93 28.21 -24.51
N ALA A 17 3.50 29.03 -23.63
CA ALA A 17 4.72 29.74 -23.97
C ALA A 17 5.91 28.85 -23.62
N VAL A 18 6.98 28.94 -24.43
CA VAL A 18 8.26 28.37 -24.04
C VAL A 18 8.58 29.01 -22.69
N GLY A 19 8.87 28.18 -21.68
CA GLY A 19 9.29 28.66 -20.38
C GLY A 19 8.17 28.73 -19.36
N GLU A 20 6.94 28.58 -19.81
CA GLU A 20 5.75 28.60 -18.94
C GLU A 20 5.59 27.29 -18.17
N LEU A 21 5.43 27.36 -16.85
CA LEU A 21 5.13 26.18 -16.05
C LEU A 21 3.66 25.73 -16.21
N VAL A 22 3.46 24.51 -16.71
CA VAL A 22 2.13 23.92 -16.89
C VAL A 22 1.84 23.03 -15.66
N GLU A 23 0.65 23.19 -15.10
CA GLU A 23 0.32 22.53 -13.83
C GLU A 23 -0.55 21.31 -14.15
N ILE A 24 -0.05 20.10 -13.90
CA ILE A 24 -0.85 18.90 -14.18
C ILE A 24 -1.11 18.26 -12.83
N GLN A 25 -2.37 17.89 -12.57
CA GLN A 25 -2.69 17.30 -11.26
C GLN A 25 -3.56 16.09 -11.55
N LEU A 26 -3.15 14.92 -11.05
CA LEU A 26 -3.88 13.66 -11.33
C LEU A 26 -4.02 12.88 -10.03
N PRO A 27 -5.17 12.23 -9.84
CA PRO A 27 -5.37 11.44 -8.64
C PRO A 27 -4.34 10.31 -8.68
N SER A 28 -3.78 10.04 -7.53
CA SER A 28 -2.72 9.03 -7.34
C SER A 28 -2.73 8.43 -5.94
N ASN A 29 -2.53 7.11 -5.90
CA ASN A 29 -2.53 6.36 -4.63
C ASN A 29 -1.29 5.47 -4.63
N PRO A 30 -0.12 6.08 -4.36
CA PRO A 30 1.16 5.41 -4.47
C PRO A 30 1.38 4.29 -3.45
N THR A 31 0.59 4.23 -2.37
CA THR A 31 0.75 3.09 -1.45
C THR A 31 -0.01 1.83 -1.93
N THR A 32 -0.60 1.91 -3.13
CA THR A 32 -1.02 0.73 -3.87
C THR A 32 0.16 0.20 -4.72
N GLY A 33 1.24 0.95 -4.79
CA GLY A 33 2.35 0.65 -5.68
C GLY A 33 2.20 1.23 -7.08
N PHE A 34 1.00 1.69 -7.42
CA PHE A 34 0.77 2.38 -8.71
C PHE A 34 1.10 3.87 -8.53
N ALA A 35 1.76 4.47 -9.53
CA ALA A 35 1.81 5.92 -9.65
C ALA A 35 2.01 6.31 -11.11
N TRP A 36 2.12 7.61 -11.36
CA TRP A 36 2.09 8.07 -12.75
C TRP A 36 3.52 8.17 -13.25
N TYR A 37 3.81 7.54 -14.40
CA TYR A 37 5.15 7.57 -14.95
C TYR A 37 5.17 7.74 -16.44
N PHE A 38 6.28 8.33 -16.93
CA PHE A 38 6.60 8.24 -18.38
C PHE A 38 7.02 6.82 -18.70
N GLU A 39 7.06 6.51 -20.00
CA GLU A 39 7.42 5.17 -20.45
C GLU A 39 8.74 4.75 -19.80
N GLY A 40 8.82 3.54 -19.29
CA GLY A 40 10.08 3.09 -18.69
C GLY A 40 10.04 3.15 -17.18
N GLY A 41 9.11 3.94 -16.66
CA GLY A 41 8.84 3.92 -15.25
C GLY A 41 9.57 5.04 -14.56
N THR A 42 9.69 6.18 -15.23
CA THR A 42 10.36 7.31 -14.63
C THR A 42 9.47 8.54 -14.59
N LYS A 43 9.75 9.46 -13.67
CA LYS A 43 9.09 10.75 -13.59
C LYS A 43 9.77 11.81 -14.48
N GLU A 44 10.84 11.41 -15.17
CA GLU A 44 11.66 12.34 -15.94
C GLU A 44 11.18 12.45 -17.37
N SER A 45 11.21 13.69 -17.88
CA SER A 45 10.97 13.97 -19.27
C SER A 45 11.68 12.98 -20.17
N PRO A 46 10.97 12.42 -21.16
CA PRO A 46 11.61 11.58 -22.16
C PRO A 46 12.56 12.35 -23.09
N ASN A 47 12.35 13.66 -23.20
N ASN A 47 12.31 13.65 -23.28
CA ASN A 47 13.26 14.53 -23.96
CA ASN A 47 13.26 14.52 -24.00
C ASN A 47 13.41 15.91 -23.34
C ASN A 47 13.43 15.91 -23.36
N GLU A 48 14.48 16.04 -22.53
CA GLU A 48 14.78 17.31 -21.79
C GLU A 48 14.91 18.55 -22.68
N SER A 49 15.10 18.32 -23.99
CA SER A 49 15.21 19.37 -25.00
C SER A 49 13.87 19.99 -25.33
N MET A 50 12.82 19.23 -25.10
CA MET A 50 11.48 19.68 -25.48
C MET A 50 10.72 20.22 -24.27
N PHE A 51 10.84 19.52 -23.15
CA PHE A 51 10.21 19.94 -21.91
C PHE A 51 10.88 19.31 -20.71
N THR A 52 10.75 20.01 -19.62
CA THR A 52 11.32 19.68 -18.34
C THR A 52 10.17 19.38 -17.38
N VAL A 53 10.37 18.48 -16.43
CA VAL A 53 9.27 18.10 -15.56
C VAL A 53 9.74 18.05 -14.12
N GLU A 54 9.02 18.72 -13.21
CA GLU A 54 9.15 18.45 -11.76
C GLU A 54 7.93 17.74 -11.24
N ASN A 55 8.10 16.81 -10.33
CA ASN A 55 6.95 16.07 -9.84
C ASN A 55 6.82 16.19 -8.29
N LYS A 56 5.59 16.34 -7.80
CA LYS A 56 5.40 16.37 -6.35
C LYS A 56 4.11 15.63 -6.00
N TYR A 57 4.15 14.78 -4.99
CA TYR A 57 2.97 14.07 -4.53
C TYR A 57 2.41 14.73 -3.27
N PHE A 58 1.11 15.02 -3.30
CA PHE A 58 0.40 15.57 -2.13
C PHE A 58 -0.53 14.51 -1.61
N PRO A 59 -0.24 13.99 -0.40
CA PRO A 59 -1.11 13.08 0.33
C PRO A 59 -2.36 13.86 0.79
N PRO A 60 -3.50 13.15 0.98
CA PRO A 60 -4.60 13.78 1.69
C PRO A 60 -4.14 14.05 3.11
N ASP A 61 -4.69 15.10 3.75
CA ASP A 61 -4.44 15.29 5.15
C ASP A 61 -5.49 14.43 5.87
N SER A 62 -5.26 13.12 5.87
CA SER A 62 -6.16 12.11 6.43
C SER A 62 -5.30 10.97 7.01
N LYS A 63 -5.78 10.36 8.09
CA LYS A 63 -5.13 9.20 8.70
C LYS A 63 -5.60 7.85 8.12
N LEU A 64 -6.56 7.88 7.18
CA LEU A 64 -7.04 6.67 6.53
C LEU A 64 -5.95 6.03 5.74
N LEU A 65 -5.65 4.76 6.01
CA LEU A 65 -4.64 4.04 5.21
C LEU A 65 -5.26 3.62 3.90
N GLY A 66 -4.71 4.12 2.79
CA GLY A 66 -5.20 3.83 1.42
C GLY A 66 -6.04 4.94 0.82
N ALA A 67 -6.23 6.05 1.54
CA ALA A 67 -6.84 7.26 1.00
C ALA A 67 -5.91 7.86 -0.09
N GLY A 68 -6.38 7.98 -1.32
CA GLY A 68 -5.52 8.55 -2.36
C GLY A 68 -5.31 10.05 -2.27
N GLY A 69 -4.19 10.50 -2.85
CA GLY A 69 -3.89 11.91 -2.96
C GLY A 69 -3.80 12.34 -4.40
N THR A 70 -2.94 13.34 -4.64
CA THR A 70 -2.81 13.95 -5.94
C THR A 70 -1.34 14.13 -6.29
N GLU A 71 -0.94 13.64 -7.45
CA GLU A 71 0.38 13.90 -8.01
C GLU A 71 0.32 15.16 -8.85
N HIS A 72 1.26 16.05 -8.61
CA HIS A 72 1.44 17.21 -9.47
C HIS A 72 2.60 16.94 -10.42
N PHE A 73 2.45 17.35 -11.67
CA PHE A 73 3.61 17.42 -12.55
C PHE A 73 3.68 18.86 -12.99
N HIS A 74 4.80 19.52 -12.67
CA HIS A 74 4.97 20.89 -13.04
C HIS A 74 5.91 20.84 -14.25
N VAL A 75 5.33 21.12 -15.42
CA VAL A 75 6.00 20.88 -16.72
C VAL A 75 6.41 22.17 -17.41
N THR A 76 7.68 22.31 -17.75
CA THR A 76 8.13 23.49 -18.52
C THR A 76 8.54 23.16 -19.96
N VAL A 77 7.88 23.80 -20.91
CA VAL A 77 8.23 23.66 -22.33
C VAL A 77 9.54 24.43 -22.64
N LYS A 78 10.43 23.76 -23.39
CA LYS A 78 11.77 24.26 -23.69
C LYS A 78 11.88 24.73 -25.13
N ALA A 79 11.02 24.19 -25.99
CA ALA A 79 11.12 24.39 -27.44
C ALA A 79 9.75 24.59 -28.08
N ALA A 80 9.72 25.37 -29.16
CA ALA A 80 8.53 25.50 -30.01
C ALA A 80 8.18 24.12 -30.59
N GLY A 81 6.89 23.92 -30.88
CA GLY A 81 6.40 22.61 -31.29
C GLY A 81 5.25 22.12 -30.45
N THR A 82 4.70 20.98 -30.84
CA THR A 82 3.68 20.31 -30.07
C THR A 82 4.35 19.11 -29.42
N HIS A 83 4.20 19.02 -28.11
CA HIS A 83 4.94 18.03 -27.32
C HIS A 83 3.95 17.24 -26.50
N ALA A 84 3.94 15.93 -26.70
CA ALA A 84 3.02 15.05 -26.01
C ALA A 84 3.59 14.63 -24.67
N VAL A 85 2.84 14.87 -23.61
CA VAL A 85 3.19 14.45 -22.27
C VAL A 85 2.37 13.19 -22.00
N ASN A 86 2.99 12.02 -22.06
CA ASN A 86 2.26 10.74 -22.09
C ASN A 86 2.59 10.01 -20.78
N LEU A 87 1.58 9.88 -19.91
CA LEU A 87 1.76 9.22 -18.61
C LEU A 87 0.89 7.98 -18.53
N THR A 88 1.40 7.02 -17.77
CA THR A 88 0.70 5.80 -17.43
C THR A 88 0.72 5.58 -15.90
N TYR A 89 -0.43 5.20 -15.36
CA TYR A 89 -0.60 4.90 -13.97
C TYR A 89 -0.26 3.42 -13.86
N MET A 90 0.84 3.11 -13.21
CA MET A 90 1.33 1.73 -13.20
C MET A 90 2.33 1.49 -12.10
N ARG A 91 2.55 0.21 -11.84
CA ARG A 91 3.65 -0.22 -11.03
C ARG A 91 4.94 -0.16 -11.87
N PRO A 92 5.83 0.78 -11.54
CA PRO A 92 7.02 1.06 -12.33
C PRO A 92 7.95 -0.13 -12.50
N TRP A 93 7.84 -1.18 -11.66
CA TRP A 93 8.67 -2.37 -11.82
C TRP A 93 8.00 -3.43 -12.69
N THR A 94 6.73 -3.17 -13.01
CA THR A 94 5.86 -4.10 -13.70
C THR A 94 5.55 -3.60 -15.12
N GLY A 95 5.43 -2.28 -15.28
CA GLY A 95 4.87 -1.72 -16.51
C GLY A 95 3.36 -1.89 -16.51
N PRO A 96 2.68 -1.50 -17.61
CA PRO A 96 1.20 -1.51 -17.66
C PRO A 96 0.52 -2.81 -17.22
N SER A 97 -0.56 -2.69 -16.45
CA SER A 97 -1.31 -3.86 -16.01
C SER A 97 -2.82 -3.61 -16.09
N HIS A 98 -3.60 -4.62 -15.69
CA HIS A 98 -5.04 -4.53 -15.78
C HIS A 98 -5.60 -3.19 -15.28
N ASP A 99 -5.11 -2.74 -14.13
CA ASP A 99 -5.65 -1.57 -13.46
C ASP A 99 -5.04 -0.25 -13.95
N SER A 100 -4.02 -0.34 -14.82
CA SER A 100 -3.33 0.86 -15.31
C SER A 100 -4.28 1.80 -16.11
N GLU A 101 -4.00 3.08 -16.07
CA GLU A 101 -4.72 4.06 -16.89
C GLU A 101 -3.71 4.90 -17.63
N ARG A 102 -4.16 5.58 -18.71
CA ARG A 102 -3.28 6.51 -19.41
C ARG A 102 -3.78 7.94 -19.41
N PHE A 103 -2.84 8.88 -19.30
CA PHE A 103 -3.15 10.30 -19.38
C PHE A 103 -2.19 10.96 -20.38
N THR A 104 -2.75 11.68 -21.35
CA THR A 104 -1.94 12.45 -22.27
C THR A 104 -2.41 13.90 -22.33
N VAL A 105 -1.46 14.82 -22.28
CA VAL A 105 -1.73 16.18 -22.71
C VAL A 105 -0.71 16.62 -23.80
N TYR A 106 -1.13 17.44 -24.74
CA TYR A 106 -0.21 17.97 -25.77
C TYR A 106 0.04 19.43 -25.46
N LEU A 107 1.30 19.82 -25.47
CA LEU A 107 1.63 21.19 -25.15
C LEU A 107 2.13 21.80 -26.41
N LYS A 108 1.32 22.68 -26.99
CA LYS A 108 1.70 23.35 -28.21
C LYS A 108 2.33 24.69 -27.88
N ALA A 109 3.60 24.82 -28.23
CA ALA A 109 4.34 26.07 -28.04
C ALA A 109 4.66 26.63 -29.40
N ASN A 110 4.29 27.89 -29.63
CA ASN A 110 4.71 28.56 -30.86
C ASN A 110 6.04 29.31 -30.72
N ILE B 1 13.09 -14.00 23.78
CA ILE B 1 12.50 -14.34 22.43
C ILE B 1 13.62 -14.77 21.47
N PRO B 2 13.27 -15.40 20.32
CA PRO B 2 14.35 -15.94 19.48
C PRO B 2 15.20 -14.84 18.86
N GLU B 3 16.40 -15.17 18.38
CA GLU B 3 17.21 -14.22 17.64
C GLU B 3 16.59 -13.92 16.27
N TYR B 4 16.02 -14.94 15.67
CA TYR B 4 15.32 -14.78 14.38
C TYR B 4 13.95 -15.40 14.53
N VAL B 5 12.98 -14.79 13.87
CA VAL B 5 11.63 -15.33 13.77
C VAL B 5 11.23 -15.17 12.32
N ASP B 6 10.55 -16.18 11.75
CA ASP B 6 10.00 -16.12 10.39
C ASP B 6 8.80 -17.05 10.24
N TRP B 7 7.61 -16.47 10.37
CA TRP B 7 6.40 -17.27 10.41
C TRP B 7 6.18 -18.09 9.13
N ARG B 8 6.85 -17.72 8.03
CA ARG B 8 6.66 -18.45 6.74
C ARG B 8 7.26 -19.84 6.92
N GLN B 9 8.28 -19.90 7.79
CA GLN B 9 8.94 -21.18 8.07
C GLN B 9 8.13 -22.14 8.90
N LYS B 10 7.10 -21.62 9.55
CA LYS B 10 6.20 -22.42 10.34
C LYS B 10 4.92 -22.67 9.59
N GLY B 11 4.84 -22.30 8.31
CA GLY B 11 3.64 -22.62 7.55
C GLY B 11 2.45 -21.72 7.90
N ALA B 12 2.74 -20.56 8.48
CA ALA B 12 1.69 -19.66 9.03
C ALA B 12 1.44 -18.44 8.16
N VAL B 13 2.03 -18.44 6.94
CA VAL B 13 1.91 -17.27 6.08
C VAL B 13 1.54 -17.75 4.68
N THR B 14 0.46 -17.21 4.13
CA THR B 14 0.01 -17.62 2.81
C THR B 14 0.80 -16.91 1.70
N PRO B 15 0.62 -17.33 0.41
CA PRO B 15 1.42 -16.58 -0.57
C PRO B 15 1.12 -15.06 -0.65
N VAL B 16 2.09 -14.35 -1.21
CA VAL B 16 2.00 -12.89 -1.38
C VAL B 16 0.89 -12.56 -2.37
N LYS B 17 0.09 -11.56 -2.02
CA LYS B 17 -1.06 -11.14 -2.75
C LYS B 17 -0.80 -9.83 -3.46
N ASN B 18 -1.74 -9.47 -4.33
CA ASN B 18 -1.66 -8.23 -5.09
C ASN B 18 -2.95 -7.51 -4.93
N GLN B 19 -2.94 -6.39 -4.22
CA GLN B 19 -4.13 -5.59 -3.96
C GLN B 19 -4.64 -4.79 -5.18
N GLY B 20 -3.85 -4.75 -6.26
CA GLY B 20 -4.18 -3.90 -7.38
C GLY B 20 -4.18 -2.41 -7.05
N SER B 21 -4.94 -1.62 -7.81
CA SER B 21 -4.91 -0.18 -7.62
C SER B 21 -5.90 0.26 -6.53
N CYS B 22 -6.66 -0.70 -6.03
CA CYS B 22 -7.62 -0.43 -4.94
C CYS B 22 -6.90 0.01 -3.64
N GLY B 23 -7.46 0.97 -2.92
CA GLY B 23 -6.81 1.41 -1.67
C GLY B 23 -7.19 0.50 -0.50
N SER B 24 -6.82 -0.77 -0.60
CA SER B 24 -7.28 -1.81 0.32
C SER B 24 -6.18 -2.37 1.24
N CYS B 25 -5.02 -1.74 1.33
CA CYS B 25 -3.93 -2.26 2.17
C CYS B 25 -4.31 -2.57 3.61
N TRP B 26 -5.15 -1.71 4.21
CA TRP B 26 -5.75 -1.93 5.49
C TRP B 26 -6.39 -3.33 5.67
N ALA B 27 -7.07 -3.83 4.64
CA ALA B 27 -7.76 -5.12 4.65
C ALA B 27 -6.78 -6.26 4.42
N PHE B 28 -5.81 -6.04 3.56
CA PHE B 28 -4.78 -7.05 3.30
C PHE B 28 -3.97 -7.27 4.55
N SER B 29 -3.52 -6.17 5.15
CA SER B 29 -2.78 -6.21 6.40
C SER B 29 -3.49 -7.03 7.51
N ALA B 30 -4.77 -6.73 7.73
CA ALA B 30 -5.54 -7.47 8.71
C ALA B 30 -5.57 -8.97 8.42
N VAL B 31 -5.81 -9.30 7.15
CA VAL B 31 -5.98 -10.69 6.83
C VAL B 31 -4.72 -11.49 7.06
N VAL B 32 -3.54 -10.91 6.83
CA VAL B 32 -2.28 -11.64 7.15
C VAL B 32 -2.27 -12.12 8.62
N THR B 33 -2.69 -11.24 9.56
CA THR B 33 -2.71 -11.62 10.96
C THR B 33 -3.72 -12.73 11.24
N ILE B 34 -4.87 -12.67 10.57
CA ILE B 34 -5.90 -13.67 10.81
CA ILE B 34 -5.91 -13.67 10.79
C ILE B 34 -5.43 -15.04 10.30
N GLU B 35 -4.96 -15.06 9.05
CA GLU B 35 -4.36 -16.28 8.49
C GLU B 35 -3.29 -16.87 9.44
N GLY B 36 -2.42 -16.02 9.95
CA GLY B 36 -1.38 -16.41 10.88
C GLY B 36 -1.86 -16.99 12.20
N ILE B 37 -2.78 -16.27 12.88
CA ILE B 37 -3.22 -16.74 14.17
C ILE B 37 -4.06 -18.04 14.01
N ILE B 38 -4.83 -18.19 12.93
CA ILE B 38 -5.58 -19.44 12.74
C ILE B 38 -4.62 -20.63 12.55
N LYS B 39 -3.50 -20.43 11.87
CA LYS B 39 -2.53 -21.54 11.74
C LYS B 39 -1.90 -21.87 13.10
N ILE B 40 -1.53 -20.81 13.80
CA ILE B 40 -0.88 -21.01 15.10
C ILE B 40 -1.77 -21.83 16.07
N ARG B 41 -3.06 -21.51 16.12
CA ARG B 41 -3.99 -22.15 17.03
C ARG B 41 -4.50 -23.51 16.52
N THR B 42 -4.79 -23.59 15.23
CA THR B 42 -5.54 -24.76 14.70
C THR B 42 -4.70 -25.72 13.90
N GLY B 43 -3.52 -25.28 13.48
CA GLY B 43 -2.69 -26.07 12.61
C GLY B 43 -3.03 -26.01 11.14
N ASN B 44 -4.08 -25.27 10.75
CA ASN B 44 -4.42 -25.10 9.34
C ASN B 44 -4.14 -23.70 8.81
N LEU B 45 -3.49 -23.63 7.66
CA LEU B 45 -3.29 -22.39 6.93
C LEU B 45 -4.39 -22.23 5.89
N ASN B 46 -5.26 -21.26 6.11
CA ASN B 46 -6.32 -20.95 5.14
C ASN B 46 -6.13 -19.54 4.66
N GLU B 47 -6.79 -19.20 3.53
CA GLU B 47 -6.82 -17.84 3.05
C GLU B 47 -8.18 -17.29 3.39
N TYR B 48 -8.23 -16.04 3.87
CA TYR B 48 -9.46 -15.34 4.27
C TYR B 48 -9.66 -14.11 3.37
N SER B 49 -10.84 -13.50 3.43
CA SER B 49 -11.34 -12.66 2.34
C SER B 49 -11.03 -11.21 2.63
N GLU B 50 -10.07 -10.63 1.89
CA GLU B 50 -9.88 -9.19 1.93
C GLU B 50 -11.11 -8.46 1.44
N GLN B 51 -11.73 -9.00 0.36
CA GLN B 51 -12.93 -8.41 -0.29
C GLN B 51 -14.06 -8.23 0.70
N GLU B 52 -14.30 -9.25 1.52
CA GLU B 52 -15.33 -9.11 2.57
C GLU B 52 -15.08 -7.88 3.49
N LEU B 53 -13.84 -7.64 3.89
CA LEU B 53 -13.52 -6.52 4.78
C LEU B 53 -13.78 -5.21 4.03
N LEU B 54 -13.35 -5.18 2.76
CA LEU B 54 -13.59 -4.06 1.85
C LEU B 54 -15.07 -3.72 1.77
N ASP B 55 -15.90 -4.74 1.49
CA ASP B 55 -17.31 -4.48 1.24
C ASP B 55 -17.99 -4.22 2.58
N CYS B 56 -17.57 -4.86 3.68
CA CYS B 56 -18.41 -4.90 4.91
C CYS B 56 -18.03 -4.03 6.10
N ASP B 57 -16.82 -3.47 6.10
CA ASP B 57 -16.41 -2.64 7.22
C ASP B 57 -16.98 -1.25 6.97
N ARG B 58 -18.01 -0.95 7.73
CA ARG B 58 -18.74 0.31 7.59
C ARG B 58 -17.96 1.50 8.13
N ARG B 59 -16.97 1.23 8.98
CA ARG B 59 -16.11 2.28 9.52
C ARG B 59 -15.03 2.73 8.52
N SER B 60 -14.65 1.85 7.59
CA SER B 60 -13.65 2.13 6.53
C SER B 60 -14.34 2.59 5.27
N TYR B 61 -13.56 2.95 4.26
CA TYR B 61 -14.09 3.44 3.02
C TYR B 61 -13.72 2.64 1.78
N GLY B 62 -13.73 1.31 1.89
CA GLY B 62 -13.51 0.49 0.71
C GLY B 62 -12.14 0.77 0.11
N CYS B 63 -12.10 1.00 -1.21
CA CYS B 63 -10.81 1.27 -1.86
C CYS B 63 -10.32 2.68 -1.62
N ASN B 64 -11.09 3.47 -0.88
CA ASN B 64 -10.70 4.83 -0.49
C ASN B 64 -9.99 4.87 0.89
N GLY B 65 -9.63 3.70 1.42
CA GLY B 65 -8.85 3.65 2.66
C GLY B 65 -9.61 3.13 3.87
N GLY B 66 -8.87 2.82 4.93
CA GLY B 66 -9.50 2.14 6.06
C GLY B 66 -8.49 1.97 7.17
N TYR B 67 -8.83 1.13 8.14
CA TYR B 67 -7.99 0.93 9.32
CA TYR B 67 -7.92 0.91 9.26
C TYR B 67 -7.82 -0.58 9.53
N PRO B 68 -6.57 -1.13 9.55
CA PRO B 68 -6.42 -2.55 9.96
C PRO B 68 -7.10 -2.86 11.31
N TRP B 69 -7.05 -1.96 12.30
CA TRP B 69 -7.72 -2.30 13.57
C TRP B 69 -9.23 -2.49 13.37
N SER B 70 -9.81 -1.67 12.47
CA SER B 70 -11.26 -1.69 12.19
C SER B 70 -11.67 -3.01 11.51
N ALA B 71 -10.84 -3.45 10.56
CA ALA B 71 -11.01 -4.79 9.97
C ALA B 71 -10.88 -5.89 11.03
N LEU B 72 -9.87 -5.82 11.90
CA LEU B 72 -9.77 -6.82 13.00
C LEU B 72 -10.98 -6.77 13.95
N GLN B 73 -11.46 -5.57 14.22
CA GLN B 73 -12.61 -5.40 15.09
C GLN B 73 -13.83 -6.06 14.45
N LEU B 74 -13.99 -5.89 13.13
CA LEU B 74 -15.08 -6.54 12.43
C LEU B 74 -14.97 -8.10 12.57
N VAL B 75 -13.76 -8.62 12.39
CA VAL B 75 -13.58 -10.08 12.40
C VAL B 75 -13.84 -10.65 13.80
N ALA B 76 -13.51 -9.87 14.82
CA ALA B 76 -13.78 -10.24 16.20
C ALA B 76 -15.28 -10.21 16.47
N GLN B 77 -16.00 -9.32 15.82
CA GLN B 77 -17.40 -9.15 16.15
C GLN B 77 -18.28 -10.10 15.33
N TYR B 78 -17.93 -10.28 14.06
CA TYR B 78 -18.76 -11.02 13.07
C TYR B 78 -18.09 -12.18 12.34
N GLY B 79 -16.77 -12.24 12.36
CA GLY B 79 -16.04 -13.29 11.68
C GLY B 79 -15.77 -12.94 10.23
N ILE B 80 -15.27 -13.93 9.50
CA ILE B 80 -14.77 -13.70 8.13
C ILE B 80 -14.85 -15.00 7.37
N HIS B 81 -15.09 -14.87 6.07
CA HIS B 81 -15.22 -16.03 5.19
C HIS B 81 -13.90 -16.34 4.47
N TYR B 82 -13.80 -17.55 3.92
CA TYR B 82 -12.64 -17.91 3.11
C TYR B 82 -12.57 -17.08 1.86
N ARG B 83 -11.33 -16.88 1.40
CA ARG B 83 -11.06 -16.26 0.12
C ARG B 83 -11.79 -16.92 -1.06
N ASN B 84 -11.77 -18.26 -1.19
CA ASN B 84 -12.46 -18.86 -2.33
C ASN B 84 -13.98 -18.65 -2.24
N THR B 85 -14.50 -18.46 -1.03
CA THR B 85 -15.91 -18.20 -0.83
C THR B 85 -16.24 -16.78 -1.22
N TYR B 86 -15.29 -15.85 -1.04
CA TYR B 86 -15.60 -14.44 -1.19
C TYR B 86 -14.34 -13.85 -1.84
N PRO B 87 -14.11 -14.13 -3.14
CA PRO B 87 -12.83 -13.71 -3.79
C PRO B 87 -12.61 -12.21 -4.04
N TYR B 88 -11.33 -11.83 -4.13
CA TYR B 88 -10.95 -10.43 -4.32
C TYR B 88 -11.29 -9.91 -5.68
N GLU B 89 -11.97 -8.76 -5.73
CA GLU B 89 -12.35 -8.16 -7.00
C GLU B 89 -11.60 -6.86 -7.22
N GLY B 90 -11.01 -6.30 -6.16
CA GLY B 90 -10.22 -5.08 -6.28
C GLY B 90 -11.07 -3.86 -6.58
N VAL B 91 -12.35 -3.92 -6.22
CA VAL B 91 -13.24 -2.77 -6.20
C VAL B 91 -14.26 -3.03 -5.08
N GLN B 92 -14.76 -1.99 -4.42
CA GLN B 92 -15.75 -2.24 -3.39
C GLN B 92 -17.12 -2.50 -4.02
N ARG B 93 -17.81 -3.49 -3.50
CA ARG B 93 -19.18 -3.81 -3.90
CA ARG B 93 -19.18 -3.75 -3.92
C ARG B 93 -20.03 -3.89 -2.66
N TYR B 94 -21.25 -4.38 -2.79
CA TYR B 94 -22.14 -4.54 -1.64
C TYR B 94 -21.63 -5.63 -0.74
N CYS B 95 -21.89 -5.51 0.55
CA CYS B 95 -21.55 -6.56 1.53
C CYS B 95 -22.39 -7.80 1.29
N ARG B 96 -21.71 -8.90 0.96
CA ARG B 96 -22.36 -10.11 0.56
C ARG B 96 -22.17 -11.26 1.55
N SER B 97 -21.85 -10.91 2.80
CA SER B 97 -21.52 -11.91 3.82
CA SER B 97 -21.50 -11.93 3.79
C SER B 97 -22.68 -12.85 4.06
N ARG B 98 -23.88 -12.29 4.16
CA ARG B 98 -25.07 -13.06 4.45
C ARG B 98 -25.45 -14.06 3.37
N GLU B 99 -24.97 -13.86 2.15
CA GLU B 99 -25.23 -14.78 1.07
C GLU B 99 -24.21 -15.90 1.09
N LYS B 100 -23.22 -15.82 1.98
CA LYS B 100 -22.12 -16.77 1.91
C LYS B 100 -22.11 -17.87 3.00
N GLY B 101 -23.24 -18.08 3.65
CA GLY B 101 -23.32 -19.00 4.76
C GLY B 101 -22.51 -18.54 5.99
N PRO B 102 -22.37 -19.43 6.97
CA PRO B 102 -21.77 -19.04 8.24
C PRO B 102 -20.34 -18.61 8.02
N TYR B 103 -19.81 -17.76 8.90
CA TYR B 103 -18.43 -17.33 8.76
C TYR B 103 -17.51 -18.54 8.94
N ALA B 104 -16.29 -18.44 8.38
CA ALA B 104 -15.29 -19.52 8.41
C ALA B 104 -14.54 -19.49 9.73
N ALA B 105 -14.16 -18.29 10.19
CA ALA B 105 -13.42 -18.11 11.44
C ALA B 105 -13.87 -16.81 12.09
N LYS B 106 -13.72 -16.73 13.40
CA LYS B 106 -13.96 -15.48 14.10
C LYS B 106 -12.89 -15.36 15.18
N THR B 107 -12.46 -14.15 15.45
CA THR B 107 -11.44 -13.98 16.49
C THR B 107 -12.13 -13.56 17.74
N ASP B 108 -11.37 -13.45 18.81
CA ASP B 108 -11.90 -13.11 20.11
C ASP B 108 -11.73 -11.65 20.50
N GLY B 109 -10.93 -10.90 19.75
CA GLY B 109 -10.77 -9.50 20.08
C GLY B 109 -9.59 -8.97 19.25
N VAL B 110 -9.21 -7.72 19.54
CA VAL B 110 -8.12 -7.01 18.85
C VAL B 110 -7.32 -6.34 19.90
N ARG B 111 -5.98 -6.44 19.80
CA ARG B 111 -5.15 -5.78 20.77
C ARG B 111 -4.12 -4.92 20.03
N GLN B 112 -3.83 -3.79 20.62
CA GLN B 112 -2.74 -2.90 20.12
C GLN B 112 -1.47 -3.19 20.89
N VAL B 113 -0.37 -3.21 20.18
CA VAL B 113 0.98 -3.27 20.78
C VAL B 113 1.37 -1.93 21.39
N GLN B 114 2.04 -1.89 22.55
CA GLN B 114 2.52 -0.61 23.03
C GLN B 114 3.27 0.10 21.89
N PRO B 115 2.84 1.34 21.56
CA PRO B 115 3.44 1.95 20.38
C PRO B 115 4.77 2.61 20.62
N TYR B 116 5.46 2.90 19.51
CA TYR B 116 6.79 3.53 19.53
C TYR B 116 7.77 2.79 20.41
N ASN B 117 7.75 1.45 20.37
CA ASN B 117 8.61 0.65 21.22
C ASN B 117 9.02 -0.59 20.40
N GLU B 118 10.29 -0.63 20.01
CA GLU B 118 10.73 -1.71 19.14
C GLU B 118 10.59 -3.06 19.85
N GLY B 119 11.02 -3.13 21.12
CA GLY B 119 10.99 -4.39 21.90
C GLY B 119 9.56 -4.92 22.03
N ALA B 120 8.59 -4.04 22.24
CA ALA B 120 7.21 -4.48 22.42
C ALA B 120 6.74 -5.15 21.10
N LEU B 121 7.13 -4.56 19.98
CA LEU B 121 6.69 -5.06 18.67
C LEU B 121 7.37 -6.40 18.41
N LEU B 122 8.67 -6.52 18.70
CA LEU B 122 9.35 -7.81 18.50
C LEU B 122 8.72 -8.93 19.37
N TYR B 123 8.40 -8.63 20.61
CA TYR B 123 7.75 -9.63 21.45
CA TYR B 123 7.71 -9.60 21.50
C TYR B 123 6.43 -10.12 20.82
N SER B 124 5.65 -9.20 20.25
CA SER B 124 4.39 -9.54 19.64
C SER B 124 4.60 -10.39 18.37
N ILE B 125 5.53 -9.97 17.50
CA ILE B 125 5.88 -10.75 16.32
C ILE B 125 6.37 -12.17 16.72
N ALA B 126 7.13 -12.32 17.82
CA ALA B 126 7.52 -13.66 18.24
C ALA B 126 6.33 -14.55 18.56
N ASN B 127 5.22 -13.94 18.98
CA ASN B 127 3.96 -14.67 19.23
C ASN B 127 3.13 -14.98 18.00
N GLN B 128 3.09 -14.03 17.06
CA GLN B 128 2.22 -14.15 15.89
C GLN B 128 2.49 -12.99 14.95
N PRO B 129 2.07 -13.11 13.66
CA PRO B 129 2.18 -11.98 12.74
C PRO B 129 1.36 -10.77 13.23
N VAL B 130 1.90 -9.57 12.99
CA VAL B 130 1.29 -8.36 13.54
C VAL B 130 1.00 -7.37 12.36
N SER B 131 -0.17 -6.71 12.42
CA SER B 131 -0.51 -5.69 11.43
C SER B 131 0.28 -4.42 11.81
N VAL B 132 1.01 -3.85 10.87
CA VAL B 132 1.84 -2.65 11.14
C VAL B 132 1.64 -1.65 10.00
N VAL B 133 2.00 -0.39 10.28
CA VAL B 133 1.85 0.67 9.29
C VAL B 133 3.23 1.32 9.09
N LEU B 134 3.45 1.89 7.92
CA LEU B 134 4.72 2.63 7.65
C LEU B 134 4.49 3.68 6.58
N GLU B 135 5.53 4.50 6.30
CA GLU B 135 5.53 5.49 5.23
CA GLU B 135 5.45 5.44 5.19
C GLU B 135 6.09 4.80 3.98
N ALA B 136 5.23 4.51 3.00
CA ALA B 136 5.63 3.75 1.82
C ALA B 136 5.41 4.49 0.48
N ALA B 137 4.99 5.76 0.50
CA ALA B 137 4.74 6.44 -0.76
C ALA B 137 6.00 6.83 -1.52
N GLY B 138 7.17 6.83 -0.85
CA GLY B 138 8.40 7.34 -1.48
C GLY B 138 8.93 6.50 -2.63
N LYS B 139 9.67 7.14 -3.54
CA LYS B 139 10.13 6.47 -4.76
C LYS B 139 11.04 5.28 -4.42
N ASP B 140 11.88 5.47 -3.42
CA ASP B 140 12.86 4.43 -3.04
C ASP B 140 12.16 3.20 -2.43
N PHE B 141 11.06 3.42 -1.70
CA PHE B 141 10.24 2.30 -1.27
C PHE B 141 9.55 1.63 -2.47
N GLN B 142 9.00 2.43 -3.39
CA GLN B 142 8.41 1.88 -4.64
C GLN B 142 9.42 1.04 -5.41
N LEU B 143 10.65 1.53 -5.49
CA LEU B 143 11.64 0.89 -6.30
C LEU B 143 12.47 -0.15 -5.54
N TYR B 144 12.08 -0.45 -4.29
CA TYR B 144 12.83 -1.39 -3.45
C TYR B 144 12.89 -2.75 -4.15
N ARG B 145 14.11 -3.26 -4.27
CA ARG B 145 14.34 -4.57 -4.87
C ARG B 145 14.92 -5.55 -3.85
N GLY B 146 15.18 -5.13 -2.62
CA GLY B 146 15.85 -6.05 -1.67
C GLY B 146 16.93 -5.43 -0.80
N GLY B 147 17.30 -6.13 0.27
CA GLY B 147 18.27 -5.60 1.21
C GLY B 147 17.52 -5.08 2.44
N ILE B 148 18.29 -4.66 3.43
CA ILE B 148 17.73 -4.12 4.67
C ILE B 148 17.52 -2.63 4.44
N PHE B 149 16.28 -2.19 4.50
CA PHE B 149 15.93 -0.85 4.08
C PHE B 149 16.05 0.14 5.19
N VAL B 150 16.82 1.19 5.01
CA VAL B 150 16.99 2.19 6.08
C VAL B 150 16.37 3.52 5.70
N GLY B 151 15.88 3.57 4.48
CA GLY B 151 15.29 4.79 3.93
C GLY B 151 15.91 5.03 2.57
N PRO B 152 15.64 6.21 1.99
CA PRO B 152 14.89 7.26 2.67
C PRO B 152 13.42 6.97 2.66
N CYS B 153 12.69 7.58 3.59
CA CYS B 153 11.24 7.45 3.67
C CYS B 153 10.92 8.37 4.83
N GLY B 154 9.67 8.83 4.94
CA GLY B 154 9.29 9.70 6.04
C GLY B 154 8.69 8.97 7.23
N ASN B 155 7.97 9.71 8.07
CA ASN B 155 7.45 9.09 9.30
CA ASN B 155 7.46 9.28 9.37
C ASN B 155 5.94 9.19 9.40
N LYS B 156 5.31 9.80 8.42
CA LYS B 156 3.85 9.95 8.38
CA LYS B 156 3.85 9.91 8.39
C LYS B 156 3.26 8.74 7.62
N VAL B 157 2.73 7.79 8.36
CA VAL B 157 2.39 6.50 7.80
C VAL B 157 1.23 6.56 6.84
N ASP B 158 1.26 5.67 5.88
CA ASP B 158 0.27 5.75 4.81
C ASP B 158 0.02 4.40 4.21
N HIS B 159 0.60 3.36 4.78
CA HIS B 159 0.46 2.05 4.22
C HIS B 159 0.43 1.05 5.34
N ALA B 160 -0.43 0.04 5.21
CA ALA B 160 -0.59 -1.00 6.18
C ALA B 160 -0.09 -2.31 5.59
N VAL B 161 0.74 -3.00 6.34
CA VAL B 161 1.35 -4.25 5.91
C VAL B 161 1.40 -5.17 7.15
N ALA B 162 2.20 -6.24 7.13
CA ALA B 162 2.16 -7.16 8.24
C ALA B 162 3.60 -7.61 8.52
N ALA B 163 3.96 -7.56 9.78
CA ALA B 163 5.27 -8.02 10.16
C ALA B 163 5.15 -9.53 10.45
N VAL B 164 5.91 -10.33 9.74
CA VAL B 164 5.80 -11.80 9.89
C VAL B 164 7.10 -12.38 10.43
N GLY B 165 8.04 -11.52 10.80
CA GLY B 165 9.26 -12.00 11.41
C GLY B 165 10.26 -10.91 11.68
N TYR B 166 11.44 -11.29 12.11
CA TYR B 166 12.51 -10.31 12.37
C TYR B 166 13.84 -11.04 12.50
N GLY B 167 14.93 -10.28 12.57
CA GLY B 167 16.25 -10.78 12.87
C GLY B 167 17.01 -9.73 13.67
N PRO B 168 18.31 -9.93 13.90
CA PRO B 168 19.10 -8.99 14.73
C PRO B 168 18.99 -7.54 14.25
N ASN B 169 18.92 -7.29 12.94
CA ASN B 169 18.83 -5.88 12.53
C ASN B 169 17.72 -5.53 11.52
N TYR B 170 16.63 -6.28 11.53
CA TYR B 170 15.52 -5.96 10.63
C TYR B 170 14.21 -6.53 11.14
N ILE B 171 13.09 -5.99 10.63
CA ILE B 171 11.81 -6.62 10.79
C ILE B 171 11.35 -7.04 9.38
N LEU B 172 10.82 -8.25 9.27
CA LEU B 172 10.42 -8.84 8.01
C LEU B 172 8.92 -8.54 7.78
N ILE B 173 8.61 -7.99 6.59
CA ILE B 173 7.31 -7.41 6.36
C ILE B 173 6.75 -8.00 5.04
N LYS B 174 5.54 -8.53 5.12
CA LYS B 174 4.83 -8.98 3.92
C LYS B 174 4.08 -7.79 3.36
N ASN B 175 4.38 -7.40 2.12
CA ASN B 175 3.64 -6.38 1.39
C ASN B 175 2.58 -7.05 0.48
N SER B 176 1.70 -6.22 -0.06
CA SER B 176 0.59 -6.69 -0.86
C SER B 176 0.69 -6.13 -2.28
N TRP B 177 1.92 -6.04 -2.81
CA TRP B 177 2.14 -5.49 -4.14
C TRP B 177 2.61 -6.58 -5.19
N GLY B 178 2.32 -7.85 -4.90
CA GLY B 178 2.77 -8.94 -5.73
C GLY B 178 4.22 -9.32 -5.42
N THR B 179 4.64 -10.46 -5.97
CA THR B 179 5.97 -11.00 -5.81
C THR B 179 7.06 -10.34 -6.62
N GLY B 180 6.70 -9.44 -7.53
CA GLY B 180 7.68 -8.78 -8.41
C GLY B 180 8.34 -7.61 -7.70
N TRP B 181 7.76 -7.22 -6.55
CA TRP B 181 8.29 -6.18 -5.69
C TRP B 181 9.18 -6.74 -4.57
N GLY B 182 10.32 -6.08 -4.34
CA GLY B 182 11.13 -6.33 -3.16
C GLY B 182 11.64 -7.77 -3.14
N GLU B 183 11.64 -8.40 -1.97
CA GLU B 183 12.23 -9.74 -1.87
C GLU B 183 11.14 -10.76 -2.08
N ASN B 184 10.80 -11.05 -3.35
CA ASN B 184 9.63 -11.86 -3.62
C ASN B 184 8.40 -11.34 -2.88
N GLY B 185 8.22 -10.02 -2.82
CA GLY B 185 6.99 -9.46 -2.21
C GLY B 185 7.19 -8.96 -0.78
N TYR B 186 8.35 -9.26 -0.22
CA TYR B 186 8.70 -8.90 1.18
C TYR B 186 9.70 -7.74 1.24
N ILE B 187 9.78 -7.12 2.41
CA ILE B 187 10.82 -6.11 2.66
C ILE B 187 11.35 -6.34 4.07
N ARG B 188 12.67 -6.24 4.22
CA ARG B 188 13.29 -6.18 5.51
C ARG B 188 13.63 -4.72 5.83
N ILE B 189 12.95 -4.20 6.86
CA ILE B 189 13.16 -2.84 7.34
C ILE B 189 14.15 -2.86 8.52
N LYS B 190 15.16 -1.98 8.46
CA LYS B 190 16.19 -1.90 9.49
C LYS B 190 15.53 -1.67 10.86
N ARG B 191 16.04 -2.33 11.89
CA ARG B 191 15.64 -2.04 13.26
C ARG B 191 16.88 -1.70 14.06
N GLY B 192 16.68 -1.28 15.30
CA GLY B 192 17.79 -1.03 16.20
C GLY B 192 18.40 0.34 15.96
N THR B 193 17.66 1.24 15.32
CA THR B 193 18.21 2.60 15.04
C THR B 193 18.15 3.56 16.27
N GLY B 194 17.34 3.20 17.28
CA GLY B 194 17.13 4.07 18.45
C GLY B 194 16.03 5.10 18.22
N ASN B 195 15.50 5.14 17.00
CA ASN B 195 14.43 6.05 16.70
C ASN B 195 13.13 5.38 17.05
N SER B 196 12.38 6.00 17.95
CA SER B 196 11.17 5.43 18.54
C SER B 196 10.02 5.36 17.59
N TYR B 197 10.04 6.17 16.53
CA TYR B 197 8.99 6.04 15.52
C TYR B 197 9.16 4.74 14.69
N GLY B 198 10.38 4.21 14.73
CA GLY B 198 10.89 3.17 13.84
C GLY B 198 11.21 3.69 12.45
N VAL B 199 11.95 2.91 11.68
CA VAL B 199 12.24 3.27 10.30
C VAL B 199 10.92 3.37 9.48
N CYS B 200 10.79 4.42 8.65
CA CYS B 200 9.55 4.75 7.97
C CYS B 200 8.28 4.77 8.87
N GLY B 201 8.45 5.04 10.16
CA GLY B 201 7.33 5.12 11.13
C GLY B 201 6.75 3.77 11.55
N LEU B 202 7.58 2.72 11.43
CA LEU B 202 7.10 1.35 11.53
C LEU B 202 6.46 1.05 12.91
N TYR B 203 6.79 1.84 13.92
CA TYR B 203 6.27 1.51 15.26
C TYR B 203 5.01 2.34 15.60
N THR B 204 4.44 2.97 14.58
CA THR B 204 3.39 3.92 14.87
C THR B 204 2.13 3.24 15.40
N SER B 205 1.72 2.15 14.79
CA SER B 205 0.34 1.66 15.11
C SER B 205 0.21 0.21 14.73
N SER B 206 0.33 -0.68 15.70
CA SER B 206 0.43 -2.11 15.43
C SER B 206 -0.61 -2.88 16.23
N PHE B 207 -1.24 -3.86 15.59
CA PHE B 207 -2.45 -4.56 16.12
C PHE B 207 -2.36 -6.03 15.74
N TYR B 208 -2.96 -6.86 16.57
CA TYR B 208 -2.99 -8.28 16.29
C TYR B 208 -4.31 -8.80 16.83
N PRO B 209 -4.82 -9.85 16.19
CA PRO B 209 -6.09 -10.53 16.63
C PRO B 209 -5.86 -11.40 17.84
N VAL B 210 -6.80 -11.42 18.77
CA VAL B 210 -6.73 -12.33 19.93
C VAL B 210 -7.57 -13.52 19.49
N LYS B 211 -7.08 -14.72 19.72
CA LYS B 211 -7.83 -15.89 19.33
C LYS B 211 -7.41 -17.05 20.21
N ASN B 212 -8.34 -17.65 20.95
CA ASN B 212 -7.85 -18.78 21.71
C ASN B 212 -7.77 -20.05 20.89
ZN ZN C . 1.23 21.83 -8.42
C FMT D . 9.02 -3.26 -16.54
O1 FMT D . 9.55 -2.15 -16.51
O2 FMT D . 9.51 -4.25 -17.08
C FMT E . 1.66 23.15 -6.07
O1 FMT E . 2.69 22.46 -6.14
O2 FMT E . 0.73 23.14 -6.91
C FMT F . -3.46 -4.79 -11.25
O1 FMT F . -3.33 -4.19 -12.33
O2 FMT F . -2.52 -5.12 -10.50
C ACY G . -3.02 1.52 0.31
O ACY G . -3.84 0.62 -0.05
OXT ACY G . -2.78 2.46 -0.53
CH3 ACY G . -2.33 1.54 1.71
C FMT H . 1.10 -10.77 20.78
O1 FMT H . 1.72 -10.35 21.78
O2 FMT H . 0.53 -11.88 20.71
C FMT I . -19.41 -12.56 8.34
O1 FMT I . -19.56 -11.34 8.55
O2 FMT I . -20.36 -13.34 8.28
C FMT J . -22.63 -6.75 9.19
O1 FMT J . -21.48 -7.04 8.82
O2 FMT J . -23.60 -7.50 9.15
C FMT K . 3.32 -22.99 14.65
O1 FMT K . 3.49 -22.49 15.77
O2 FMT K . 2.31 -23.60 14.29
C FMT L . -20.46 -0.13 -3.48
O1 FMT L . -19.87 0.95 -3.49
O2 FMT L . -21.60 -0.32 -3.06
C FMT M . 22.22 -2.89 7.27
O1 FMT M . 21.79 -1.84 6.77
O2 FMT M . 22.30 -3.11 8.49
C FMT N . -1.32 -26.16 17.02
O1 FMT N . -0.60 -26.14 18.02
O2 FMT N . -1.05 -26.75 15.97
#